data_5MQK
#
_entry.id   5MQK
#
_cell.length_a   122.356
_cell.length_b   122.356
_cell.length_c   40.368
_cell.angle_alpha   90.00
_cell.angle_beta   90.00
_cell.angle_gamma   120.00
#
_symmetry.space_group_name_H-M   'H 3'
#
loop_
_entity.id
_entity.type
_entity.pdbx_description
1 polymer 'CREB-binding protein'
2 non-polymer 1-(1-methylindol-3-yl)ethanone
3 water water
#
_entity_poly.entity_id   1
_entity_poly.type   'polypeptide(L)'
_entity_poly.pdbx_seq_one_letter_code
;SMRKKIFKPEELRQALMPTLEALYRQDPESLPFRQPVDPQLLGIPDYFDIVKNPMDLSTIKRKLDTGQYQEPWQYVDDVW
LMFNNAWLYNRKTSRVYKFCSKLAEVFEQEIDPVMQSLG
;
_entity_poly.pdbx_strand_id   A,B
#
loop_
_chem_comp.id
_chem_comp.type
_chem_comp.name
_chem_comp.formula
QPR non-polymer 1-(1-methylindol-3-yl)ethanone 'C11 H11 N O'
#
# COMPACT_ATOMS: atom_id res chain seq x y z
N ARG A 3 -5.13 15.57 -24.36
CA ARG A 3 -4.18 15.52 -23.27
C ARG A 3 -4.38 14.25 -22.43
N LYS A 4 -3.28 13.60 -22.09
CA LYS A 4 -3.33 12.30 -21.41
C LYS A 4 -3.63 12.49 -19.92
N LYS A 5 -4.50 11.62 -19.40
CA LYS A 5 -4.94 11.71 -18.02
C LYS A 5 -3.84 11.22 -17.07
N ILE A 6 -3.59 11.97 -16.01
CA ILE A 6 -2.61 11.62 -14.99
C ILE A 6 -3.34 11.45 -13.66
N PHE A 7 -2.88 10.50 -12.85
CA PHE A 7 -3.59 10.08 -11.66
C PHE A 7 -2.84 10.49 -10.39
N LYS A 8 -3.57 11.08 -9.44
CA LYS A 8 -3.06 11.38 -8.10
C LYS A 8 -3.21 10.17 -7.19
N PRO A 9 -2.19 9.86 -6.37
CA PRO A 9 -2.17 8.56 -5.68
C PRO A 9 -3.37 8.35 -4.78
N GLU A 10 -3.80 9.37 -4.05
CA GLU A 10 -4.92 9.19 -3.14
C GLU A 10 -6.24 9.04 -3.90
N GLU A 11 -6.33 9.59 -5.10
CA GLU A 11 -7.56 9.50 -5.88
C GLU A 11 -7.66 8.16 -6.57
N LEU A 12 -6.53 7.63 -7.04
CA LEU A 12 -6.52 6.30 -7.61
C LEU A 12 -6.81 5.27 -6.54
N ARG A 13 -6.29 5.47 -5.33
CA ARG A 13 -6.58 4.56 -4.23
C ARG A 13 -8.07 4.59 -3.86
N GLN A 14 -8.65 5.78 -3.77
CA GLN A 14 -10.07 5.90 -3.43
C GLN A 14 -10.97 5.26 -4.47
N ALA A 15 -10.59 5.32 -5.75
CA ALA A 15 -11.43 4.77 -6.80
C ALA A 15 -11.36 3.25 -6.80
N LEU A 16 -10.17 2.69 -6.62
CA LEU A 16 -9.99 1.25 -6.77
C LEU A 16 -10.27 0.48 -5.48
N MET A 17 -10.11 1.11 -4.32
CA MET A 17 -10.25 0.36 -3.07
C MET A 17 -11.59 -0.37 -2.93
N PRO A 18 -12.73 0.19 -3.32
CA PRO A 18 -13.98 -0.57 -3.18
C PRO A 18 -13.97 -1.90 -3.90
N THR A 19 -13.25 -1.99 -5.03
CA THR A 19 -13.20 -3.27 -5.73
C THR A 19 -12.33 -4.26 -4.99
N LEU A 20 -11.30 -3.79 -4.30
CA LEU A 20 -10.48 -4.69 -3.49
C LEU A 20 -11.24 -5.12 -2.24
N GLU A 21 -11.95 -4.18 -1.61
CA GLU A 21 -12.75 -4.53 -0.43
C GLU A 21 -13.79 -5.60 -0.77
N ALA A 22 -14.43 -5.49 -1.94
CA ALA A 22 -15.41 -6.49 -2.36
C ALA A 22 -14.80 -7.89 -2.40
N LEU A 23 -13.55 -7.99 -2.87
CA LEU A 23 -12.90 -9.30 -2.91
C LEU A 23 -12.61 -9.78 -1.50
N TYR A 24 -12.03 -8.89 -0.68
N TYR A 24 -12.05 -8.89 -0.67
CA TYR A 24 -11.65 -9.25 0.68
CA TYR A 24 -11.62 -9.27 0.65
C TYR A 24 -12.82 -9.81 1.46
C TYR A 24 -12.77 -9.69 1.53
N ARG A 25 -13.99 -9.25 1.24
CA ARG A 25 -15.14 -9.52 2.08
C ARG A 25 -15.88 -10.78 1.68
N GLN A 26 -15.52 -11.42 0.57
CA GLN A 26 -16.08 -12.73 0.26
C GLN A 26 -15.65 -13.73 1.31
N ASP A 27 -16.62 -14.33 1.99
CA ASP A 27 -16.37 -15.30 3.05
C ASP A 27 -17.18 -16.53 2.69
N PRO A 28 -16.56 -17.69 2.40
CA PRO A 28 -15.16 -18.05 2.62
C PRO A 28 -14.17 -17.81 1.49
N GLU A 29 -14.64 -17.31 0.35
CA GLU A 29 -13.82 -17.45 -0.86
C GLU A 29 -12.55 -16.60 -0.87
N SER A 30 -12.48 -15.50 -0.10
CA SER A 30 -11.22 -14.78 -0.08
C SER A 30 -10.17 -15.42 0.81
N LEU A 31 -10.51 -16.41 1.64
CA LEU A 31 -9.57 -16.84 2.69
C LEU A 31 -8.23 -17.33 2.14
N PRO A 32 -8.18 -18.17 1.10
CA PRO A 32 -6.87 -18.60 0.56
C PRO A 32 -6.07 -17.48 -0.08
N PHE A 33 -6.64 -16.29 -0.20
CA PHE A 33 -6.02 -15.20 -0.93
C PHE A 33 -5.69 -14.01 -0.06
N ARG A 34 -5.97 -14.07 1.23
CA ARG A 34 -5.76 -12.91 2.09
C ARG A 34 -4.31 -12.73 2.54
N GLN A 35 -3.42 -13.66 2.23
CA GLN A 35 -2.02 -13.62 2.63
C GLN A 35 -1.21 -14.35 1.59
N PRO A 36 0.09 -14.07 1.48
CA PRO A 36 0.90 -14.74 0.44
C PRO A 36 0.98 -16.24 0.67
N VAL A 37 1.01 -16.99 -0.43
CA VAL A 37 1.30 -18.43 -0.32
C VAL A 37 2.67 -18.60 0.29
N ASP A 38 2.74 -19.39 1.37
CA ASP A 38 4.01 -19.77 1.99
C ASP A 38 4.26 -21.24 1.70
N PRO A 39 5.08 -21.57 0.71
CA PRO A 39 5.23 -23.00 0.33
C PRO A 39 5.87 -23.84 1.42
N GLN A 40 6.73 -23.25 2.24
CA GLN A 40 7.33 -23.96 3.35
C GLN A 40 6.27 -24.34 4.38
N LEU A 41 5.39 -23.40 4.73
N LEU A 41 5.46 -23.35 4.77
CA LEU A 41 4.36 -23.71 5.71
CA LEU A 41 4.30 -23.58 5.64
C LEU A 41 3.32 -24.68 5.14
C LEU A 41 3.43 -24.71 5.10
N LEU A 42 3.05 -24.61 3.83
CA LEU A 42 2.06 -25.49 3.22
C LEU A 42 2.65 -26.80 2.71
N GLY A 43 3.96 -26.99 2.79
CA GLY A 43 4.57 -28.23 2.33
C GLY A 43 4.38 -28.47 0.84
N ILE A 44 4.61 -27.43 0.04
CA ILE A 44 4.47 -27.57 -1.42
C ILE A 44 5.71 -26.95 -2.07
N PRO A 45 6.86 -27.63 -2.02
CA PRO A 45 8.08 -27.05 -2.58
C PRO A 45 7.99 -26.74 -4.06
N ASP A 46 7.04 -27.34 -4.79
CA ASP A 46 6.95 -27.07 -6.22
C ASP A 46 6.27 -25.75 -6.54
N TYR A 47 5.74 -25.04 -5.56
CA TYR A 47 4.92 -23.87 -5.85
C TYR A 47 5.67 -22.82 -6.67
N PHE A 48 6.87 -22.44 -6.23
CA PHE A 48 7.58 -21.38 -6.95
C PHE A 48 8.23 -21.87 -8.25
N ASP A 49 8.23 -23.18 -8.52
CA ASP A 49 8.61 -23.67 -9.86
C ASP A 49 7.53 -23.39 -10.89
N ILE A 50 6.30 -23.19 -10.45
CA ILE A 50 5.16 -22.97 -11.32
C ILE A 50 4.71 -21.52 -11.28
N VAL A 51 4.68 -20.92 -10.09
CA VAL A 51 4.24 -19.54 -9.90
C VAL A 51 5.48 -18.67 -9.72
N LYS A 52 5.88 -17.97 -10.78
CA LYS A 52 7.10 -17.17 -10.75
C LYS A 52 6.89 -15.82 -10.07
N ASN A 53 5.66 -15.30 -10.12
CA ASN A 53 5.33 -13.96 -9.65
C ASN A 53 4.14 -14.06 -8.72
N PRO A 54 4.37 -14.40 -7.46
CA PRO A 54 3.25 -14.58 -6.53
C PRO A 54 2.52 -13.27 -6.32
N MET A 55 1.25 -13.38 -5.94
CA MET A 55 0.44 -12.20 -5.68
C MET A 55 -0.72 -12.65 -4.81
N ASP A 56 -1.19 -11.75 -3.95
CA ASP A 56 -2.30 -12.03 -3.06
C ASP A 56 -2.96 -10.72 -2.67
N LEU A 57 -4.08 -10.82 -1.95
CA LEU A 57 -4.87 -9.63 -1.66
C LEU A 57 -4.15 -8.68 -0.73
N SER A 58 -3.37 -9.20 0.24
CA SER A 58 -2.69 -8.30 1.17
C SER A 58 -1.57 -7.53 0.49
N THR A 59 -0.89 -8.13 -0.48
CA THR A 59 0.15 -7.45 -1.23
C THR A 59 -0.46 -6.42 -2.18
N ILE A 60 -1.62 -6.75 -2.78
CA ILE A 60 -2.33 -5.78 -3.61
C ILE A 60 -2.78 -4.59 -2.78
N LYS A 61 -3.26 -4.84 -1.56
CA LYS A 61 -3.69 -3.72 -0.72
C LYS A 61 -2.50 -2.89 -0.29
N ARG A 62 -1.41 -3.53 0.11
CA ARG A 62 -0.24 -2.76 0.52
C ARG A 62 0.28 -1.90 -0.63
N LYS A 63 0.15 -2.39 -1.88
CA LYS A 63 0.58 -1.61 -3.04
C LYS A 63 -0.37 -0.44 -3.32
N LEU A 64 -1.67 -0.69 -3.22
CA LEU A 64 -2.65 0.38 -3.40
C LEU A 64 -2.52 1.45 -2.33
N ASP A 65 -2.05 1.07 -1.14
CA ASP A 65 -1.90 2.01 -0.02
C ASP A 65 -0.61 2.84 -0.12
N THR A 66 0.38 2.39 -0.88
CA THR A 66 1.70 3.01 -0.90
C THR A 66 2.09 3.52 -2.28
N GLY A 67 1.10 3.98 -3.04
CA GLY A 67 1.33 4.60 -4.35
C GLY A 67 2.16 3.80 -5.34
N GLN A 68 2.09 2.47 -5.26
CA GLN A 68 2.88 1.66 -6.20
C GLN A 68 2.18 1.44 -7.53
N TYR A 69 0.89 1.76 -7.65
CA TYR A 69 0.18 1.74 -8.93
C TYR A 69 0.07 3.16 -9.48
N GLN A 70 0.67 3.38 -10.64
CA GLN A 70 0.60 4.69 -11.30
C GLN A 70 -0.60 4.80 -12.23
N GLU A 71 -1.02 3.69 -12.82
CA GLU A 71 -2.18 3.63 -13.69
C GLU A 71 -3.09 2.51 -13.23
N PRO A 72 -4.41 2.67 -13.43
CA PRO A 72 -5.35 1.64 -12.96
C PRO A 72 -5.07 0.27 -13.54
N TRP A 73 -4.53 0.18 -14.76
CA TRP A 73 -4.33 -1.15 -15.34
C TRP A 73 -3.21 -1.93 -14.67
N GLN A 74 -2.30 -1.27 -13.95
CA GLN A 74 -1.31 -2.02 -13.17
C GLN A 74 -1.95 -2.72 -11.99
N TYR A 75 -2.97 -2.10 -11.39
CA TYR A 75 -3.76 -2.76 -10.36
C TYR A 75 -4.51 -3.95 -10.95
N VAL A 76 -5.21 -3.75 -12.07
CA VAL A 76 -5.96 -4.83 -12.70
C VAL A 76 -5.04 -5.99 -13.05
N ASP A 77 -3.82 -5.69 -13.51
CA ASP A 77 -2.86 -6.73 -13.85
C ASP A 77 -2.51 -7.60 -12.65
N ASP A 78 -2.36 -6.98 -11.48
CA ASP A 78 -1.99 -7.76 -10.29
C ASP A 78 -3.15 -8.64 -9.84
N VAL A 79 -4.38 -8.15 -9.98
CA VAL A 79 -5.53 -8.98 -9.59
C VAL A 79 -5.60 -10.21 -10.48
N TRP A 80 -5.46 -10.02 -11.80
CA TRP A 80 -5.48 -11.17 -12.70
C TRP A 80 -4.28 -12.10 -12.50
N LEU A 81 -3.13 -11.56 -12.11
CA LEU A 81 -1.98 -12.40 -11.81
C LEU A 81 -2.27 -13.32 -10.65
N MET A 82 -2.88 -12.79 -9.59
CA MET A 82 -3.32 -13.63 -8.47
C MET A 82 -4.25 -14.75 -8.94
N PHE A 83 -5.24 -14.42 -9.79
CA PHE A 83 -6.16 -15.44 -10.29
C PHE A 83 -5.42 -16.48 -11.12
N ASN A 84 -4.62 -16.00 -12.08
CA ASN A 84 -3.99 -16.92 -13.03
C ASN A 84 -3.01 -17.84 -12.32
N ASN A 85 -2.35 -17.35 -11.27
CA ASN A 85 -1.49 -18.22 -10.47
C ASN A 85 -2.29 -19.37 -9.87
N ALA A 86 -3.42 -19.05 -9.26
CA ALA A 86 -4.24 -20.07 -8.60
C ALA A 86 -4.80 -21.06 -9.62
N TRP A 87 -5.24 -20.56 -10.77
CA TRP A 87 -5.81 -21.43 -11.79
C TRP A 87 -4.77 -22.31 -12.48
N LEU A 88 -3.50 -21.96 -12.41
CA LEU A 88 -2.44 -22.79 -12.99
C LEU A 88 -1.96 -23.85 -12.01
N TYR A 89 -1.96 -23.53 -10.72
CA TYR A 89 -1.32 -24.41 -9.76
C TYR A 89 -2.26 -25.49 -9.25
N ASN A 90 -3.55 -25.17 -9.18
CA ASN A 90 -4.51 -25.95 -8.42
C ASN A 90 -5.46 -26.70 -9.34
N ARG A 91 -5.92 -27.86 -8.84
CA ARG A 91 -6.92 -28.63 -9.57
C ARG A 91 -8.20 -27.82 -9.77
N LYS A 92 -8.87 -28.04 -10.90
CA LYS A 92 -10.04 -27.22 -11.24
C LYS A 92 -11.15 -27.33 -10.19
N THR A 93 -11.39 -28.50 -9.61
CA THR A 93 -12.45 -28.64 -8.60
C THR A 93 -11.92 -28.49 -7.17
N SER A 94 -10.65 -28.13 -7.00
CA SER A 94 -10.14 -27.84 -5.68
C SER A 94 -10.84 -26.62 -5.07
N ARG A 95 -10.82 -26.57 -3.74
CA ARG A 95 -11.37 -25.42 -3.02
C ARG A 95 -10.70 -24.10 -3.46
N VAL A 96 -9.37 -24.10 -3.57
CA VAL A 96 -8.69 -22.85 -3.96
C VAL A 96 -9.14 -22.40 -5.35
N TYR A 97 -9.21 -23.31 -6.32
CA TYR A 97 -9.60 -22.96 -7.68
C TYR A 97 -11.04 -22.47 -7.72
N LYS A 98 -11.95 -23.20 -7.06
CA LYS A 98 -13.35 -22.75 -7.05
C LYS A 98 -13.49 -21.39 -6.38
N PHE A 99 -12.76 -21.19 -5.28
CA PHE A 99 -12.83 -19.90 -4.60
C PHE A 99 -12.25 -18.80 -5.48
N CYS A 100 -11.15 -19.09 -6.17
CA CYS A 100 -10.59 -18.12 -7.11
C CYS A 100 -11.62 -17.70 -8.16
N SER A 101 -12.34 -18.66 -8.73
CA SER A 101 -13.32 -18.34 -9.75
C SER A 101 -14.44 -17.46 -9.20
N LYS A 102 -14.81 -17.66 -7.93
CA LYS A 102 -15.79 -16.75 -7.34
C LYS A 102 -15.25 -15.33 -7.25
N LEU A 103 -13.99 -15.18 -6.79
CA LEU A 103 -13.43 -13.82 -6.73
C LEU A 103 -13.36 -13.18 -8.09
N ALA A 104 -13.04 -13.98 -9.12
CA ALA A 104 -12.94 -13.43 -10.48
C ALA A 104 -14.31 -12.99 -10.97
N GLU A 105 -15.37 -13.76 -10.64
CA GLU A 105 -16.73 -13.29 -10.97
C GLU A 105 -17.01 -11.94 -10.31
N VAL A 106 -16.70 -11.82 -9.01
CA VAL A 106 -16.98 -10.57 -8.31
C VAL A 106 -16.16 -9.45 -8.92
N PHE A 107 -14.88 -9.72 -9.23
CA PHE A 107 -14.02 -8.66 -9.76
C PHE A 107 -14.55 -8.13 -11.08
N GLU A 108 -14.94 -9.04 -11.98
CA GLU A 108 -15.43 -8.60 -13.28
C GLU A 108 -16.67 -7.73 -13.13
N GLN A 109 -17.63 -8.18 -12.32
CA GLN A 109 -18.89 -7.47 -12.18
C GLN A 109 -18.73 -6.07 -11.59
N GLU A 110 -17.63 -5.81 -10.89
N GLU A 110 -17.63 -5.77 -10.88
CA GLU A 110 -17.39 -4.55 -10.19
CA GLU A 110 -17.50 -4.43 -10.30
C GLU A 110 -16.41 -3.63 -10.90
C GLU A 110 -16.27 -3.65 -10.74
N ILE A 111 -15.43 -4.18 -11.62
CA ILE A 111 -14.33 -3.38 -12.15
C ILE A 111 -14.75 -2.56 -13.37
N ASP A 112 -15.83 -2.95 -14.06
CA ASP A 112 -16.19 -2.29 -15.32
C ASP A 112 -16.63 -0.84 -15.12
N PRO A 113 -17.61 -0.52 -14.27
CA PRO A 113 -17.97 0.89 -14.12
C PRO A 113 -16.85 1.72 -13.53
N VAL A 114 -16.04 1.14 -12.63
CA VAL A 114 -14.90 1.89 -12.11
C VAL A 114 -13.95 2.27 -13.23
N MET A 115 -13.67 1.33 -14.15
CA MET A 115 -12.74 1.64 -15.23
C MET A 115 -13.33 2.70 -16.16
N GLN A 116 -14.63 2.58 -16.48
CA GLN A 116 -15.28 3.61 -17.29
C GLN A 116 -15.22 4.96 -16.62
N SER A 117 -15.47 5.00 -15.30
CA SER A 117 -15.49 6.26 -14.57
C SER A 117 -14.10 6.89 -14.51
N LEU A 118 -13.05 6.07 -14.49
CA LEU A 118 -11.68 6.56 -14.46
C LEU A 118 -11.16 6.94 -15.85
N GLY A 119 -11.96 6.75 -16.89
CA GLY A 119 -11.57 7.11 -18.24
C GLY A 119 -12.71 7.04 -19.23
N LYS B 5 15.21 -12.13 2.03
CA LYS B 5 16.43 -11.74 2.73
C LYS B 5 16.11 -10.79 3.88
N ILE B 6 17.00 -10.73 4.86
CA ILE B 6 16.80 -9.89 6.03
C ILE B 6 17.72 -8.67 5.94
N PHE B 7 17.33 -7.62 6.65
CA PHE B 7 18.05 -6.35 6.64
C PHE B 7 18.34 -5.93 8.07
N LYS B 8 19.59 -5.60 8.35
CA LYS B 8 19.98 -5.14 9.67
C LYS B 8 19.54 -3.68 9.87
N PRO B 9 19.28 -3.28 11.12
CA PRO B 9 18.82 -1.91 11.36
C PRO B 9 19.76 -0.83 10.85
N GLU B 10 21.07 -1.11 10.79
CA GLU B 10 22.01 -0.12 10.29
C GLU B 10 22.01 -0.02 8.77
N GLU B 11 21.70 -1.13 8.08
CA GLU B 11 21.56 -1.08 6.62
C GLU B 11 20.27 -0.36 6.23
N LEU B 12 19.22 -0.49 7.05
CA LEU B 12 17.99 0.24 6.80
C LEU B 12 18.18 1.73 7.01
N ARG B 13 18.88 2.13 8.06
CA ARG B 13 19.18 3.54 8.28
C ARG B 13 19.92 4.13 7.09
N GLN B 14 21.01 3.48 6.66
CA GLN B 14 21.86 4.09 5.65
C GLN B 14 21.12 4.29 4.33
N ALA B 15 20.32 3.29 3.92
CA ALA B 15 19.58 3.40 2.66
C ALA B 15 18.42 4.38 2.78
N LEU B 16 17.62 4.26 3.84
CA LEU B 16 16.31 4.91 3.90
C LEU B 16 16.34 6.31 4.52
N MET B 17 17.27 6.57 5.44
CA MET B 17 17.26 7.88 6.08
C MET B 17 17.39 9.05 5.11
N PRO B 18 18.09 8.96 3.98
CA PRO B 18 18.08 10.09 3.03
C PRO B 18 16.72 10.38 2.44
N THR B 19 15.89 9.35 2.20
CA THR B 19 14.55 9.61 1.72
C THR B 19 13.70 10.31 2.77
N LEU B 20 13.94 10.04 4.06
CA LEU B 20 13.20 10.75 5.10
C LEU B 20 13.69 12.18 5.20
N GLU B 21 15.00 12.38 5.05
CA GLU B 21 15.58 13.72 5.09
C GLU B 21 14.98 14.61 4.01
N ALA B 22 14.75 14.05 2.82
CA ALA B 22 14.17 14.84 1.74
C ALA B 22 12.77 15.31 2.07
N LEU B 23 12.00 14.52 2.83
CA LEU B 23 10.69 15.03 3.27
C LEU B 23 10.86 16.15 4.28
N TYR B 24 11.73 15.96 5.29
N TYR B 24 11.76 15.97 5.24
CA TYR B 24 12.00 17.02 6.24
CA TYR B 24 11.99 16.99 6.25
C TYR B 24 12.38 18.31 5.55
C TYR B 24 12.48 18.30 5.63
N ARG B 25 13.25 18.22 4.54
CA ARG B 25 13.76 19.42 3.88
C ARG B 25 12.71 20.25 3.19
N GLN B 26 11.49 19.73 3.01
CA GLN B 26 10.43 20.50 2.36
C GLN B 26 9.86 21.49 3.37
N ASP B 27 10.13 22.76 3.17
CA ASP B 27 9.61 23.79 4.04
C ASP B 27 8.84 24.78 3.19
N PRO B 28 7.59 25.13 3.55
CA PRO B 28 6.95 24.81 4.83
C PRO B 28 6.13 23.51 4.85
N GLU B 29 6.13 22.75 3.76
CA GLU B 29 5.16 21.66 3.65
C GLU B 29 5.35 20.57 4.71
N SER B 30 6.57 20.30 5.16
CA SER B 30 6.76 19.24 6.15
C SER B 30 6.43 19.68 7.57
N LEU B 31 6.27 20.97 7.81
CA LEU B 31 6.03 21.45 9.18
C LEU B 31 4.96 20.68 9.93
N PRO B 32 3.74 20.50 9.41
CA PRO B 32 2.70 19.83 10.21
C PRO B 32 2.94 18.33 10.40
N PHE B 33 3.97 17.78 9.77
CA PHE B 33 4.29 16.36 9.85
C PHE B 33 5.52 16.09 10.68
N ARG B 34 6.13 17.12 11.27
N ARG B 34 6.14 17.13 11.26
CA ARG B 34 7.43 16.96 11.92
CA ARG B 34 7.42 16.91 11.92
C ARG B 34 7.32 16.38 13.33
C ARG B 34 7.27 16.21 13.27
N GLN B 35 6.14 16.39 13.94
CA GLN B 35 5.92 15.83 15.26
C GLN B 35 4.52 15.23 15.31
N PRO B 36 4.22 14.38 16.29
CA PRO B 36 2.87 13.79 16.35
C PRO B 36 1.80 14.86 16.53
N VAL B 37 0.66 14.66 15.86
CA VAL B 37 -0.45 15.58 16.01
C VAL B 37 -0.90 15.57 17.46
N ASP B 38 -1.02 16.76 18.05
CA ASP B 38 -1.57 16.93 19.40
C ASP B 38 -2.92 17.59 19.26
N PRO B 39 -4.02 16.82 19.19
CA PRO B 39 -5.33 17.43 18.90
C PRO B 39 -5.80 18.40 19.97
N GLN B 40 -5.57 18.09 21.25
CA GLN B 40 -6.08 18.96 22.29
C GLN B 40 -5.30 20.27 22.36
N LEU B 41 -3.98 20.21 22.19
CA LEU B 41 -3.21 21.45 22.06
C LEU B 41 -3.66 22.24 20.85
N LEU B 42 -3.87 21.57 19.73
CA LEU B 42 -4.26 22.26 18.49
C LEU B 42 -5.71 22.70 18.52
N GLY B 43 -6.56 21.96 19.24
CA GLY B 43 -7.98 22.24 19.24
C GLY B 43 -8.74 21.56 18.12
N ILE B 44 -8.27 20.40 17.65
CA ILE B 44 -8.94 19.60 16.64
C ILE B 44 -9.25 18.24 17.24
N PRO B 45 -10.17 18.14 18.19
CA PRO B 45 -10.29 16.92 19.00
C PRO B 45 -10.90 15.72 18.30
N ASP B 46 -11.47 15.89 17.10
CA ASP B 46 -11.99 14.77 16.33
C ASP B 46 -10.91 13.90 15.72
N TYR B 47 -9.64 14.26 15.91
CA TYR B 47 -8.57 13.70 15.10
C TYR B 47 -8.38 12.20 15.38
N PHE B 48 -8.30 11.81 16.65
CA PHE B 48 -8.07 10.41 16.97
C PHE B 48 -9.28 9.54 16.69
N ASP B 49 -10.46 10.14 16.52
CA ASP B 49 -11.62 9.36 16.07
C ASP B 49 -11.49 8.99 14.59
N ILE B 50 -10.98 9.90 13.78
CA ILE B 50 -10.82 9.64 12.35
C ILE B 50 -9.56 8.82 12.09
N VAL B 51 -8.46 9.21 12.72
CA VAL B 51 -7.14 8.66 12.44
C VAL B 51 -6.83 7.64 13.54
N LYS B 52 -6.96 6.36 13.19
CA LYS B 52 -6.82 5.30 14.20
C LYS B 52 -5.36 4.95 14.47
N ASN B 53 -4.49 5.09 13.47
CA ASN B 53 -3.06 4.77 13.61
C ASN B 53 -2.24 6.00 13.20
N PRO B 54 -2.04 6.94 14.12
CA PRO B 54 -1.26 8.14 13.78
C PRO B 54 0.20 7.81 13.44
N MET B 55 0.80 8.67 12.63
CA MET B 55 2.17 8.49 12.19
C MET B 55 2.70 9.84 11.75
N ASP B 56 3.99 10.08 11.98
CA ASP B 56 4.60 11.37 11.65
C ASP B 56 6.08 11.15 11.39
N LEU B 57 6.75 12.22 10.96
CA LEU B 57 8.15 12.09 10.56
C LEU B 57 9.05 11.71 11.73
N SER B 58 8.82 12.31 12.90
CA SER B 58 9.71 12.01 14.03
C SER B 58 9.55 10.56 14.51
N THR B 59 8.34 10.02 14.44
CA THR B 59 8.14 8.63 14.81
C THR B 59 8.83 7.68 13.85
N ILE B 60 8.76 7.98 12.54
CA ILE B 60 9.44 7.15 11.55
C ILE B 60 10.95 7.19 11.77
N LYS B 61 11.49 8.38 12.06
CA LYS B 61 12.93 8.51 12.23
C LYS B 61 13.43 7.74 13.44
N ARG B 62 12.69 7.79 14.56
CA ARG B 62 13.13 7.05 15.73
C ARG B 62 13.01 5.54 15.50
N LYS B 63 11.99 5.10 14.74
CA LYS B 63 11.90 3.67 14.45
C LYS B 63 13.12 3.20 13.65
N LEU B 64 13.61 4.03 12.72
CA LEU B 64 14.87 3.73 12.06
C LEU B 64 16.03 3.77 13.06
N ASP B 65 16.12 4.85 13.83
CA ASP B 65 17.26 5.04 14.72
C ASP B 65 17.34 3.94 15.77
N THR B 66 16.20 3.45 16.25
CA THR B 66 16.16 2.37 17.22
C THR B 66 15.92 1.01 16.57
N GLY B 67 15.94 0.94 15.25
CA GLY B 67 15.89 -0.32 14.52
C GLY B 67 14.62 -1.13 14.67
N GLN B 68 13.47 -0.49 14.53
CA GLN B 68 12.19 -1.19 14.68
C GLN B 68 11.63 -1.69 13.37
N TYR B 69 12.37 -1.58 12.27
CA TYR B 69 11.95 -2.07 10.96
C TYR B 69 12.76 -3.30 10.60
N GLN B 70 12.08 -4.37 10.19
CA GLN B 70 12.80 -5.56 9.73
C GLN B 70 13.20 -5.43 8.27
N GLU B 71 12.27 -4.97 7.42
CA GLU B 71 12.46 -4.90 5.98
C GLU B 71 11.99 -3.54 5.48
N PRO B 72 12.50 -3.11 4.31
CA PRO B 72 12.27 -1.71 3.89
C PRO B 72 10.82 -1.35 3.61
N TRP B 73 9.96 -2.31 3.27
CA TRP B 73 8.58 -1.94 2.99
C TRP B 73 7.82 -1.56 4.25
N GLN B 74 8.28 -1.96 5.43
CA GLN B 74 7.63 -1.48 6.65
C GLN B 74 7.89 0.01 6.85
N TYR B 75 9.03 0.51 6.35
CA TYR B 75 9.29 1.95 6.39
C TYR B 75 8.38 2.67 5.41
N VAL B 76 8.30 2.16 4.17
CA VAL B 76 7.39 2.73 3.19
C VAL B 76 5.96 2.73 3.72
N ASP B 77 5.56 1.64 4.39
CA ASP B 77 4.21 1.55 4.97
C ASP B 77 3.95 2.72 5.93
N ASP B 78 4.94 3.06 6.75
CA ASP B 78 4.73 4.11 7.74
C ASP B 78 4.68 5.48 7.08
N VAL B 79 5.49 5.71 6.05
CA VAL B 79 5.43 6.98 5.33
C VAL B 79 4.05 7.18 4.70
N TRP B 80 3.52 6.14 4.04
CA TRP B 80 2.21 6.28 3.42
C TRP B 80 1.07 6.26 4.44
N LEU B 81 1.26 5.66 5.61
CA LEU B 81 0.25 5.82 6.68
C LEU B 81 0.15 7.29 7.07
N MET B 82 1.30 7.93 7.27
CA MET B 82 1.36 9.37 7.43
C MET B 82 0.55 10.10 6.36
N PHE B 83 0.83 9.82 5.08
CA PHE B 83 0.15 10.53 4.00
C PHE B 83 -1.33 10.24 4.02
N ASN B 84 -1.69 8.95 4.08
CA ASN B 84 -3.09 8.57 3.99
C ASN B 84 -3.90 9.16 5.13
N ASN B 85 -3.31 9.21 6.33
CA ASN B 85 -3.96 9.88 7.46
C ASN B 85 -4.28 11.34 7.14
N ALA B 86 -3.31 12.08 6.60
CA ALA B 86 -3.53 13.50 6.35
C ALA B 86 -4.59 13.73 5.27
N TRP B 87 -4.56 12.91 4.21
CA TRP B 87 -5.59 13.03 3.17
C TRP B 87 -6.95 12.64 3.70
N LEU B 88 -7.01 11.73 4.68
CA LEU B 88 -8.29 11.32 5.22
C LEU B 88 -8.88 12.42 6.11
N TYR B 89 -8.08 12.93 7.05
CA TYR B 89 -8.60 13.88 8.03
C TYR B 89 -8.91 15.23 7.40
N ASN B 90 -8.08 15.69 6.47
CA ASN B 90 -8.15 17.06 5.97
C ASN B 90 -8.95 17.12 4.68
N ARG B 91 -9.59 18.27 4.46
CA ARG B 91 -10.39 18.45 3.25
C ARG B 91 -9.48 18.73 2.06
N LYS B 92 -9.94 18.35 0.87
CA LYS B 92 -9.11 18.49 -0.33
C LYS B 92 -8.74 19.93 -0.63
N THR B 93 -9.46 20.89 -0.08
CA THR B 93 -9.16 22.31 -0.28
C THR B 93 -8.25 22.89 0.80
N SER B 94 -7.77 22.08 1.72
CA SER B 94 -7.07 22.61 2.89
C SER B 94 -5.56 22.69 2.67
N ARG B 95 -4.92 23.53 3.48
CA ARG B 95 -3.46 23.65 3.49
C ARG B 95 -2.77 22.31 3.72
N VAL B 96 -3.14 21.56 4.77
CA VAL B 96 -2.40 20.35 5.09
C VAL B 96 -2.59 19.28 4.02
N TYR B 97 -3.76 19.24 3.39
CA TYR B 97 -3.97 18.26 2.33
C TYR B 97 -3.03 18.52 1.16
N LYS B 98 -2.89 19.79 0.75
CA LYS B 98 -1.95 20.12 -0.31
C LYS B 98 -0.50 19.86 0.10
N PHE B 99 -0.13 20.19 1.35
CA PHE B 99 1.22 19.88 1.82
C PHE B 99 1.50 18.39 1.69
N CYS B 100 0.53 17.58 2.10
CA CYS B 100 0.66 16.13 2.01
C CYS B 100 0.91 15.69 0.58
N SER B 101 0.13 16.24 -0.37
CA SER B 101 0.32 15.88 -1.76
C SER B 101 1.72 16.24 -2.23
N LYS B 102 2.26 17.38 -1.76
CA LYS B 102 3.63 17.74 -2.13
C LYS B 102 4.65 16.76 -1.55
N LEU B 103 4.50 16.38 -0.28
CA LEU B 103 5.44 15.43 0.30
C LEU B 103 5.38 14.09 -0.42
N ALA B 104 4.19 13.65 -0.78
CA ALA B 104 4.04 12.38 -1.49
C ALA B 104 4.74 12.41 -2.83
N GLU B 105 4.64 13.55 -3.54
CA GLU B 105 5.38 13.72 -4.80
C GLU B 105 6.88 13.62 -4.57
N VAL B 106 7.38 14.26 -3.53
CA VAL B 106 8.82 14.19 -3.25
C VAL B 106 9.22 12.77 -2.90
N PHE B 107 8.40 12.08 -2.11
CA PHE B 107 8.73 10.70 -1.73
C PHE B 107 8.77 9.80 -2.95
N GLU B 108 7.77 9.91 -3.83
CA GLU B 108 7.72 9.06 -5.02
C GLU B 108 8.88 9.33 -5.97
N GLN B 109 9.39 10.56 -5.99
CA GLN B 109 10.47 10.94 -6.89
C GLN B 109 11.85 10.52 -6.39
N GLU B 110 11.92 9.81 -5.27
CA GLU B 110 13.22 9.44 -4.70
C GLU B 110 13.26 8.06 -4.06
N ILE B 111 12.11 7.45 -3.71
CA ILE B 111 12.11 6.11 -3.14
C ILE B 111 12.36 5.04 -4.19
N ASP B 112 12.15 5.36 -5.48
CA ASP B 112 12.28 4.35 -6.53
C ASP B 112 13.71 3.79 -6.63
N PRO B 113 14.75 4.61 -6.82
CA PRO B 113 16.09 4.02 -6.90
C PRO B 113 16.54 3.33 -5.63
N VAL B 114 16.13 3.84 -4.47
CA VAL B 114 16.53 3.22 -3.20
C VAL B 114 15.92 1.84 -3.08
N MET B 115 14.63 1.71 -3.40
CA MET B 115 13.99 0.40 -3.38
C MET B 115 14.56 -0.51 -4.45
N GLN B 116 14.91 0.05 -5.62
CA GLN B 116 15.49 -0.75 -6.69
C GLN B 116 16.84 -1.34 -6.27
N SER B 117 17.70 -0.50 -5.68
CA SER B 117 19.04 -0.94 -5.30
C SER B 117 19.06 -1.81 -4.05
N LEU B 118 17.99 -1.83 -3.26
CA LEU B 118 17.98 -2.60 -2.02
C LEU B 118 17.66 -4.07 -2.26
N GLY B 119 17.44 -4.44 -3.51
CA GLY B 119 17.13 -5.82 -3.86
CAA QPR C . -3.57 -19.30 -3.63
CAB QPR C . -3.87 -21.63 1.01
CAD QPR C . -2.23 -24.98 -2.60
CAE QPR C . -2.44 -25.20 -1.24
CAF QPR C . -2.46 -23.68 -3.10
CAG QPR C . -2.88 -24.15 -0.45
CAH QPR C . -3.59 -20.86 -1.38
CAI QPR C . -3.14 -20.76 -3.71
CAJ QPR C . -3.19 -21.43 -2.53
CAK QPR C . -2.89 -22.70 -2.29
CAL QPR C . -3.11 -22.94 -0.99
NAM QPR C . -3.54 -21.80 -0.43
OAC QPR C . -2.72 -21.26 -4.77
CAA QPR D . -0.84 15.96 10.02
CAB QPR D . -0.51 20.54 12.65
CAD QPR D . -5.28 19.83 10.92
CAE QPR D . -4.77 20.90 11.63
CAF QPR D . -4.45 18.76 10.60
CAG QPR D . -3.44 20.87 11.99
CAH QPR D . -1.05 18.41 11.37
CAI QPR D . -2.17 16.70 10.16
CAJ QPR D . -2.15 17.90 10.80
CAK QPR D . -3.16 18.77 10.97
CAL QPR D . -2.68 19.82 11.66
NAM QPR D . -1.38 19.59 11.90
OAC QPR D . -3.18 16.24 9.61
#